data_8H2D
#
_entry.id   8H2D
#
_cell.length_a   60.741
_cell.length_b   99.050
_cell.length_c   89.500
_cell.angle_alpha   90.000
_cell.angle_beta   90.000
_cell.angle_gamma   90.000
#
_symmetry.space_group_name_H-M   'C 2 2 21'
#
loop_
_entity.id
_entity.type
_entity.pdbx_description
1 polymer 'Uncharacterized protein Rv1546'
2 water water
#
_entity_poly.entity_id   1
_entity_poly.type   'polypeptide(L)'
_entity_poly.pdbx_seq_one_letter_code
;HMMASVELSADVPISPQDTWDHVSELSELGEWLVIHEGWRSELPDQLGAGVQIVGVARAMGMRNRVTWRVTKWDPPHEVA
MTGSGKGGTKYGVTLTVRPTKGGSALGLRLELGGRALFGPLGSAAARAVKGDVEKSLKQFAELY
;
_entity_poly.pdbx_strand_id   A,B
#
# COMPACT_ATOMS: atom_id res chain seq x y z
N MET A 2 -0.43 17.92 7.45
CA MET A 2 0.90 17.62 7.95
C MET A 2 0.95 16.42 8.88
N MET A 3 1.90 15.52 8.61
CA MET A 3 2.04 14.27 9.35
C MET A 3 3.50 14.09 9.75
N ALA A 4 3.73 13.73 11.01
CA ALA A 4 5.06 13.44 11.53
C ALA A 4 5.17 11.94 11.76
N SER A 5 6.28 11.35 11.31
CA SER A 5 6.47 9.91 11.32
C SER A 5 7.71 9.52 12.10
N VAL A 6 7.62 8.38 12.78
CA VAL A 6 8.76 7.71 13.41
C VAL A 6 8.75 6.26 12.95
N GLU A 7 9.88 5.78 12.44
CA GLU A 7 9.96 4.41 11.95
C GLU A 7 11.11 3.69 12.63
N LEU A 8 10.79 2.63 13.35
CA LEU A 8 11.80 1.84 14.07
C LEU A 8 11.62 0.36 13.76
N SER A 9 12.75 -0.33 13.60
CA SER A 9 12.75 -1.75 13.26
C SER A 9 13.45 -2.54 14.37
N ALA A 10 12.93 -3.74 14.64
CA ALA A 10 13.47 -4.63 15.65
C ALA A 10 13.54 -6.05 15.10
N ASP A 11 14.53 -6.81 15.56
CA ASP A 11 14.74 -8.17 15.08
C ASP A 11 14.14 -9.17 16.06
N VAL A 12 13.49 -10.20 15.51
CA VAL A 12 12.82 -11.21 16.34
C VAL A 12 13.19 -12.60 15.85
N PRO A 13 13.53 -13.53 16.77
CA PRO A 13 13.92 -14.89 16.38
C PRO A 13 12.74 -15.82 16.16
N ILE A 14 11.85 -15.45 15.23
CA ILE A 14 10.79 -16.32 14.73
C ILE A 14 10.72 -16.14 13.22
N SER A 15 10.05 -17.08 12.55
CA SER A 15 9.99 -17.05 11.10
C SER A 15 9.17 -15.85 10.63
N PRO A 16 9.45 -15.33 9.42
CA PRO A 16 8.59 -14.30 8.84
C PRO A 16 7.13 -14.72 8.79
N GLN A 17 6.89 -16.03 8.65
CA GLN A 17 5.55 -16.59 8.73
C GLN A 17 4.87 -16.22 10.05
N ASP A 18 5.47 -16.64 11.16
CA ASP A 18 4.88 -16.42 12.48
C ASP A 18 4.73 -14.93 12.77
N THR A 19 5.74 -14.13 12.39
CA THR A 19 5.68 -12.70 12.62
C THR A 19 4.50 -12.07 11.90
N TRP A 20 4.34 -12.37 10.60
CA TRP A 20 3.21 -11.83 9.86
C TRP A 20 1.89 -12.29 10.46
N ASP A 21 1.78 -13.58 10.81
CA ASP A 21 0.53 -14.07 11.38
C ASP A 21 0.21 -13.39 12.70
N HIS A 22 1.24 -12.99 13.45
CA HIS A 22 1.00 -12.29 14.71
C HIS A 22 0.57 -10.85 14.47
N VAL A 23 1.31 -10.11 13.64
CA VAL A 23 0.95 -8.70 13.44
C VAL A 23 -0.35 -8.57 12.64
N SER A 24 -0.67 -9.56 11.81
CA SER A 24 -1.93 -9.53 11.08
C SER A 24 -3.13 -9.87 11.95
N GLU A 25 -2.90 -10.41 13.15
CA GLU A 25 -3.97 -10.66 14.12
C GLU A 25 -4.33 -9.34 14.78
N LEU A 26 -5.21 -8.59 14.11
CA LEU A 26 -5.52 -7.24 14.55
C LEU A 26 -6.22 -7.24 15.90
N SER A 27 -6.99 -8.29 16.22
CA SER A 27 -7.64 -8.37 17.52
C SER A 27 -6.64 -8.37 18.65
N GLU A 28 -5.44 -8.92 18.42
CA GLU A 28 -4.37 -8.94 19.40
C GLU A 28 -3.51 -7.68 19.36
N LEU A 29 -3.86 -6.70 18.52
CA LEU A 29 -3.03 -5.50 18.41
C LEU A 29 -2.86 -4.80 19.75
N GLY A 30 -3.93 -4.78 20.56
CA GLY A 30 -3.88 -4.18 21.88
C GLY A 30 -2.93 -4.88 22.85
N GLU A 31 -2.48 -6.10 22.54
CA GLU A 31 -1.54 -6.80 23.39
C GLU A 31 -0.21 -6.07 23.52
N TRP A 32 0.23 -5.43 22.44
CA TRP A 32 1.62 -4.98 22.35
C TRP A 32 1.81 -3.64 21.66
N LEU A 33 0.85 -3.13 20.90
CA LEU A 33 1.01 -1.83 20.26
C LEU A 33 0.61 -0.76 21.26
N VAL A 34 1.57 0.10 21.64
CA VAL A 34 1.36 1.02 22.75
C VAL A 34 0.14 1.89 22.51
N ILE A 35 -0.02 2.39 21.28
CA ILE A 35 -1.05 3.39 21.02
C ILE A 35 -2.44 2.80 20.82
N HIS A 36 -2.58 1.48 20.74
CA HIS A 36 -3.88 0.84 20.58
C HIS A 36 -4.33 0.28 21.92
N GLU A 37 -5.33 0.93 22.54
CA GLU A 37 -5.83 0.51 23.84
C GLU A 37 -6.88 -0.59 23.75
N GLY A 38 -7.46 -0.80 22.59
CA GLY A 38 -8.54 -1.77 22.41
C GLY A 38 -9.49 -1.31 21.33
N TRP A 39 -10.32 -2.24 20.88
CA TRP A 39 -11.31 -1.97 19.85
C TRP A 39 -12.67 -1.64 20.47
N ARG A 40 -13.51 -1.01 19.66
CA ARG A 40 -14.90 -0.75 20.03
C ARG A 40 -15.87 -1.33 19.02
N SER A 41 -15.39 -2.06 18.01
CA SER A 41 -16.24 -2.65 16.98
C SER A 41 -15.95 -4.14 16.79
N LEU A 43 -15.51 -6.41 14.15
CA LEU A 43 -14.30 -6.97 13.58
C LEU A 43 -14.60 -8.24 12.77
N PRO A 44 -14.24 -8.22 11.47
CA PRO A 44 -14.50 -9.36 10.54
C PRO A 44 -13.74 -10.63 10.93
N LEU A 47 -11.15 -10.22 6.87
CA LEU A 47 -10.13 -9.19 7.09
C LEU A 47 -9.35 -8.89 5.82
N GLY A 48 -9.10 -7.61 5.59
CA GLY A 48 -8.39 -7.18 4.40
C GLY A 48 -8.46 -5.67 4.28
N ALA A 49 -8.12 -5.20 3.08
CA ALA A 49 -8.18 -3.77 2.82
C ALA A 49 -9.63 -3.28 2.85
N GLY A 50 -9.79 -1.96 3.03
CA GLY A 50 -11.10 -1.36 3.13
C GLY A 50 -11.90 -1.68 4.37
N VAL A 51 -11.43 -2.61 5.21
CA VAL A 51 -12.13 -2.95 6.44
C VAL A 51 -12.05 -1.77 7.40
N GLN A 52 -13.20 -1.30 7.87
CA GLN A 52 -13.30 -0.12 8.72
C GLN A 52 -13.75 -0.54 10.11
N ILE A 53 -13.00 -0.12 11.13
CA ILE A 53 -13.26 -0.51 12.51
C ILE A 53 -12.86 0.63 13.44
N VAL A 54 -13.62 0.83 14.51
CA VAL A 54 -13.34 1.89 15.47
C VAL A 54 -12.54 1.32 16.62
N GLY A 55 -11.49 2.05 17.03
CA GLY A 55 -10.72 1.69 18.20
C GLY A 55 -10.43 2.91 19.05
N VAL A 56 -9.78 2.67 20.18
CA VAL A 56 -9.31 3.73 21.07
C VAL A 56 -7.81 3.84 20.93
N ALA A 57 -7.33 5.06 20.65
CA ALA A 57 -5.91 5.33 20.42
C ALA A 57 -5.36 6.22 21.52
N ARG A 58 -4.27 5.77 22.14
CA ARG A 58 -3.57 6.51 23.17
C ARG A 58 -2.24 7.00 22.60
N ALA A 59 -2.16 8.30 22.31
CA ALA A 59 -0.92 8.89 21.82
C ALA A 59 -0.66 10.17 22.61
N MET A 60 0.55 10.28 23.16
CA MET A 60 1.00 11.48 23.85
C MET A 60 0.16 11.80 25.08
N GLY A 61 -0.37 10.77 25.73
CA GLY A 61 -1.29 10.96 26.84
C GLY A 61 -2.70 11.35 26.43
N MET A 62 -2.90 11.80 25.19
CA MET A 62 -4.25 12.06 24.71
C MET A 62 -4.89 10.76 24.23
N ARG A 63 -6.07 10.47 24.75
CA ARG A 63 -6.85 9.34 24.29
C ARG A 63 -8.02 9.79 23.43
N ASN A 64 -8.14 9.18 22.26
CA ASN A 64 -9.02 9.64 21.21
C ASN A 64 -9.60 8.43 20.51
N ARG A 65 -10.90 8.49 20.19
CA ARG A 65 -11.57 7.41 19.47
C ARG A 65 -11.39 7.59 17.98
N VAL A 66 -10.80 6.58 17.34
CA VAL A 66 -10.34 6.68 15.96
C VAL A 66 -11.05 5.66 15.10
N THR A 67 -11.45 6.07 13.91
CA THR A 67 -11.99 5.16 12.89
C THR A 67 -10.83 4.73 12.00
N TRP A 68 -10.34 3.51 12.22
CA TRP A 68 -9.24 2.95 11.44
C TRP A 68 -9.77 2.26 10.19
N ARG A 69 -9.01 2.38 9.10
CA ARG A 69 -9.29 1.67 7.87
C ARG A 69 -8.00 1.02 7.38
N VAL A 70 -8.04 -0.28 7.11
CA VAL A 70 -6.90 -1.00 6.56
C VAL A 70 -6.66 -0.49 5.14
N THR A 71 -5.55 0.24 4.94
CA THR A 71 -5.22 0.76 3.62
C THR A 71 -4.32 -0.17 2.83
N LYS A 72 -3.59 -1.06 3.49
CA LYS A 72 -2.77 -1.99 2.73
C LYS A 72 -2.62 -3.30 3.49
N TRP A 73 -2.71 -4.41 2.75
CA TRP A 73 -2.71 -5.76 3.31
C TRP A 73 -1.95 -6.66 2.34
N ASP A 74 -0.68 -6.93 2.64
CA ASP A 74 0.20 -7.69 1.74
C ASP A 74 0.84 -8.83 2.51
N PRO A 75 0.16 -9.98 2.58
CA PRO A 75 0.75 -11.15 3.24
C PRO A 75 1.90 -11.72 2.43
N PRO A 76 3.01 -12.08 3.08
CA PRO A 76 3.26 -11.84 4.50
C PRO A 76 4.26 -10.70 4.73
N HIS A 77 4.11 -9.62 3.97
CA HIS A 77 5.09 -8.53 4.03
C HIS A 77 4.64 -7.39 4.94
N GLU A 78 3.46 -6.82 4.73
CA GLU A 78 3.17 -5.66 5.56
C GLU A 78 1.69 -5.28 5.55
N VAL A 79 1.27 -4.65 6.65
CA VAL A 79 -0.10 -4.19 6.83
C VAL A 79 -0.05 -2.73 7.30
N ALA A 80 -0.90 -1.89 6.70
CA ALA A 80 -0.91 -0.46 6.98
C ALA A 80 -2.33 0.04 7.12
N MET A 81 -2.60 0.84 8.16
CA MET A 81 -3.90 1.43 8.40
C MET A 81 -3.76 2.89 8.76
N THR A 82 -4.72 3.70 8.30
CA THR A 82 -4.83 5.10 8.70
C THR A 82 -6.17 5.33 9.39
N GLY A 83 -6.22 6.33 10.25
CA GLY A 83 -7.40 6.56 11.07
C GLY A 83 -7.70 8.04 11.22
N SER A 84 -8.99 8.34 11.37
CA SER A 84 -9.49 9.69 11.61
C SER A 84 -9.90 9.84 13.07
N GLY A 85 -9.70 11.02 13.62
CA GLY A 85 -9.99 11.31 15.01
C GLY A 85 -11.05 12.38 15.17
N LYS A 86 -11.48 12.57 16.43
CA LYS A 86 -12.57 13.49 16.72
C LYS A 86 -12.27 14.90 16.25
N GLY A 87 -11.08 15.40 16.56
CA GLY A 87 -10.73 16.75 16.18
C GLY A 87 -10.20 16.87 14.76
N GLY A 88 -10.52 15.90 13.91
CA GLY A 88 -9.91 15.84 12.61
C GLY A 88 -8.47 15.37 12.62
N THR A 89 -8.01 14.82 13.73
CA THR A 89 -6.66 14.31 13.85
C THR A 89 -6.47 13.06 13.00
N LYS A 90 -5.26 12.90 12.45
CA LYS A 90 -4.97 11.81 11.53
C LYS A 90 -3.88 10.91 12.13
N TYR A 91 -4.07 9.60 11.98
CA TYR A 91 -3.13 8.61 12.48
C TYR A 91 -2.78 7.60 11.39
N GLY A 92 -1.61 6.98 11.56
CA GLY A 92 -1.14 5.95 10.65
C GLY A 92 -0.21 4.94 11.30
N VAL A 93 -0.46 3.66 11.06
CA VAL A 93 0.33 2.57 11.62
C VAL A 93 0.72 1.66 10.47
N THR A 94 2.02 1.44 10.31
CA THR A 94 2.55 0.67 9.18
C THR A 94 3.53 -0.38 9.70
N LEU A 95 3.13 -1.64 9.68
CA LEU A 95 3.93 -2.75 10.19
C LEU A 95 4.44 -3.58 9.02
N THR A 96 5.75 -3.69 8.90
CA THR A 96 6.42 -4.41 7.83
C THR A 96 7.18 -5.60 8.39
N VAL A 97 7.25 -6.67 7.58
CA VAL A 97 7.95 -7.90 7.92
C VAL A 97 8.96 -8.19 6.82
N ARG A 98 10.24 -8.25 7.19
CA ARG A 98 11.31 -8.63 6.29
C ARG A 98 12.07 -9.82 6.86
N PRO A 99 12.79 -10.57 6.03
CA PRO A 99 13.61 -11.67 6.55
C PRO A 99 15.02 -11.21 6.93
N THR A 100 15.58 -11.91 7.91
CA THR A 100 16.94 -11.61 8.37
C THR A 100 17.51 -12.85 9.04
N LYS A 101 18.83 -12.83 9.25
CA LYS A 101 19.49 -13.95 9.92
C LYS A 101 18.97 -14.11 11.34
N GLY A 102 18.66 -15.35 11.71
CA GLY A 102 18.02 -15.63 12.98
C GLY A 102 16.52 -15.50 12.97
N GLY A 103 15.93 -14.93 11.92
CA GLY A 103 14.49 -14.83 11.86
C GLY A 103 13.96 -13.68 11.03
N SER A 104 13.29 -12.72 11.70
CA SER A 104 12.59 -11.67 10.98
C SER A 104 12.98 -10.30 11.53
N ALA A 105 12.65 -9.28 10.73
CA ALA A 105 12.73 -7.88 11.12
C ALA A 105 11.32 -7.30 11.01
N LEU A 106 10.82 -6.78 12.12
CA LEU A 106 9.52 -6.13 12.19
C LEU A 106 9.73 -4.63 12.31
N GLY A 107 9.16 -3.88 11.38
CA GLY A 107 9.29 -2.43 11.36
C GLY A 107 7.95 -1.75 11.58
N LEU A 108 7.92 -0.87 12.57
CA LEU A 108 6.71 -0.11 12.90
C LEU A 108 6.95 1.35 12.55
N ARG A 109 6.09 1.89 11.69
CA ARG A 109 6.04 3.31 11.37
C ARG A 109 4.78 3.89 11.98
N LEU A 110 4.96 4.91 12.82
CA LEU A 110 3.87 5.60 13.49
C LEU A 110 3.78 7.01 12.93
N GLU A 111 2.57 7.41 12.53
CA GLU A 111 2.35 8.69 11.86
C GLU A 111 1.25 9.43 12.60
N LEU A 112 1.55 10.63 13.09
CA LEU A 112 0.58 11.43 13.82
C LEU A 112 0.44 12.79 13.16
N GLY A 113 -0.79 13.32 13.13
CA GLY A 113 -1.02 14.66 12.66
C GLY A 113 -0.68 15.69 13.72
N GLY A 114 -0.83 16.96 13.34
CA GLY A 114 -0.49 18.03 14.27
C GLY A 114 -1.41 18.08 15.47
N ARG A 115 -2.71 17.85 15.24
CA ARG A 115 -3.67 17.90 16.34
C ARG A 115 -3.51 16.71 17.28
N ALA A 116 -3.29 15.52 16.72
CA ALA A 116 -3.02 14.35 17.57
C ALA A 116 -1.69 14.46 18.29
N LEU A 117 -0.79 15.33 17.80
CA LEU A 117 0.51 15.49 18.43
C LEU A 117 0.46 16.51 19.57
N PHE A 118 -0.27 17.63 19.37
CA PHE A 118 -0.19 18.76 20.30
C PHE A 118 -1.54 19.30 20.75
N GLY A 119 -2.64 18.82 20.20
CA GLY A 119 -3.94 19.40 20.49
C GLY A 119 -4.40 20.29 19.36
N PRO A 120 -5.54 20.93 19.53
CA PRO A 120 -6.11 21.75 18.45
C PRO A 120 -5.25 22.94 18.05
N LEU A 121 -4.09 23.10 18.68
CA LEU A 121 -3.19 24.20 18.38
C LEU A 121 -1.94 23.80 17.60
N GLY A 122 -1.61 22.51 17.53
CA GLY A 122 -0.63 22.07 16.56
C GLY A 122 -1.05 22.38 15.13
N SER A 123 -2.35 22.58 14.92
CA SER A 123 -2.86 23.01 13.62
C SER A 123 -2.29 24.38 13.25
N ALA A 124 -1.94 25.21 14.22
CA ALA A 124 -1.26 26.47 13.91
C ALA A 124 0.09 26.19 13.25
N ALA A 125 0.86 25.27 13.82
CA ALA A 125 2.13 24.85 13.24
C ALA A 125 1.94 24.32 11.82
N ALA A 126 1.01 23.38 11.67
CA ALA A 126 0.74 22.77 10.37
C ALA A 126 0.36 23.84 9.34
N ARG A 127 -0.52 24.76 9.73
CA ARG A 127 -0.95 25.82 8.83
C ARG A 127 0.22 26.71 8.43
N ALA A 128 1.11 27.04 9.37
CA ALA A 128 2.26 27.88 9.06
C ALA A 128 3.12 27.24 7.97
N VAL A 129 3.47 25.97 8.15
CA VAL A 129 4.38 25.35 7.18
C VAL A 129 3.66 25.10 5.84
N LYS A 130 2.38 24.71 5.90
CA LYS A 130 1.63 24.55 4.66
C LYS A 130 1.56 25.86 3.89
N GLY A 131 1.40 26.98 4.59
CA GLY A 131 1.39 28.27 3.92
C GLY A 131 2.73 28.64 3.33
N ASP A 132 3.82 28.27 4.02
CA ASP A 132 5.15 28.44 3.41
C ASP A 132 5.24 27.70 2.07
N VAL A 133 4.78 26.45 2.04
CA VAL A 133 4.83 25.67 0.80
C VAL A 133 3.96 26.32 -0.28
N GLU A 134 2.74 26.74 0.09
CA GLU A 134 1.86 27.41 -0.87
C GLU A 134 2.52 28.65 -1.45
N LYS A 135 3.06 29.51 -0.59
CA LYS A 135 3.72 30.74 -1.04
C LYS A 135 4.89 30.43 -1.97
N SER A 136 5.67 29.40 -1.63
CA SER A 136 6.79 29.05 -2.50
C SER A 136 6.32 28.66 -3.88
N LEU A 137 5.29 27.80 -3.95
CA LEU A 137 4.75 27.40 -5.25
C LEU A 137 4.25 28.60 -6.04
N LYS A 138 3.51 29.49 -5.37
CA LYS A 138 3.04 30.70 -6.05
C LYS A 138 4.21 31.51 -6.59
N GLN A 139 5.10 31.99 -5.70
CA GLN A 139 6.24 32.80 -6.13
C GLN A 139 6.98 32.15 -7.30
N PHE A 140 7.08 30.81 -7.31
CA PHE A 140 7.66 30.14 -8.49
C PHE A 140 6.83 30.44 -9.74
N ALA A 141 5.51 30.29 -9.65
CA ALA A 141 4.66 30.57 -10.81
C ALA A 141 4.80 32.02 -11.27
N GLU A 142 4.78 32.95 -10.32
CA GLU A 142 4.87 34.38 -10.61
C GLU A 142 6.23 34.79 -11.17
N LEU A 143 7.29 34.01 -10.95
CA LEU A 143 8.62 34.36 -11.47
C LEU A 143 9.03 33.54 -12.69
N TYR A 144 8.26 32.53 -13.10
CA TYR A 144 8.58 31.76 -14.30
C TYR A 144 7.33 31.37 -15.08
N HIS B 1 11.48 -13.33 -8.72
CA HIS B 1 11.72 -12.01 -8.15
C HIS B 1 11.70 -10.93 -9.22
N MET B 2 12.16 -11.28 -10.42
CA MET B 2 12.25 -10.31 -11.51
C MET B 2 10.86 -9.94 -12.02
N MET B 3 10.61 -8.64 -12.15
CA MET B 3 9.32 -8.11 -12.57
C MET B 3 9.56 -6.94 -13.52
N ALA B 4 8.63 -6.74 -14.45
CA ALA B 4 8.69 -5.64 -15.42
C ALA B 4 7.50 -4.73 -15.20
N SER B 5 7.73 -3.42 -15.35
CA SER B 5 6.73 -2.42 -15.00
C SER B 5 6.60 -1.37 -16.09
N VAL B 6 5.35 -1.00 -16.40
CA VAL B 6 5.05 0.12 -17.28
C VAL B 6 4.02 0.99 -16.59
N GLU B 7 4.28 2.29 -16.51
CA GLU B 7 3.39 3.23 -15.84
C GLU B 7 3.08 4.39 -16.77
N LEU B 8 1.79 4.60 -17.04
CA LEU B 8 1.35 5.70 -17.91
C LEU B 8 0.21 6.47 -17.23
N SER B 9 0.13 7.76 -17.53
CA SER B 9 -0.84 8.66 -16.90
C SER B 9 -1.75 9.29 -17.95
N ALA B 10 -2.96 9.67 -17.52
CA ALA B 10 -3.93 10.29 -18.40
C ALA B 10 -4.84 11.24 -17.62
N ASP B 11 -5.24 12.33 -18.25
CA ASP B 11 -5.99 13.41 -17.60
C ASP B 11 -7.48 13.26 -17.89
N VAL B 12 -8.30 13.39 -16.84
CA VAL B 12 -9.76 13.24 -16.96
C VAL B 12 -10.44 14.44 -16.30
N PRO B 13 -11.45 15.06 -16.96
CA PRO B 13 -12.06 16.29 -16.43
C PRO B 13 -13.16 16.07 -15.40
N ILE B 14 -12.88 15.23 -14.40
CA ILE B 14 -13.81 14.97 -13.32
C ILE B 14 -13.06 15.03 -12.00
N SER B 15 -13.83 15.15 -10.92
CA SER B 15 -13.24 15.36 -9.60
C SER B 15 -12.36 14.17 -9.22
N PRO B 16 -11.33 14.39 -8.41
CA PRO B 16 -10.57 13.26 -7.85
C PRO B 16 -11.47 12.22 -7.20
N GLN B 17 -12.52 12.67 -6.51
CA GLN B 17 -13.51 11.77 -5.94
C GLN B 17 -14.11 10.90 -7.04
N ASP B 18 -14.85 11.50 -7.97
CA ASP B 18 -15.48 10.77 -9.06
C ASP B 18 -14.55 9.75 -9.71
N THR B 19 -13.30 10.16 -9.96
CA THR B 19 -12.33 9.25 -10.56
C THR B 19 -12.08 8.05 -9.65
N TRP B 20 -11.78 8.29 -8.37
CA TRP B 20 -11.57 7.17 -7.45
C TRP B 20 -12.79 6.25 -7.41
N ASP B 21 -13.98 6.84 -7.25
CA ASP B 21 -15.21 6.05 -7.17
C ASP B 21 -15.49 5.29 -8.45
N HIS B 22 -14.93 5.71 -9.58
CA HIS B 22 -15.06 4.91 -10.80
C HIS B 22 -14.05 3.77 -10.83
N VAL B 23 -12.78 4.04 -10.51
CA VAL B 23 -11.79 2.97 -10.56
C VAL B 23 -12.04 1.90 -9.49
N SER B 24 -12.79 2.23 -8.44
CA SER B 24 -13.02 1.33 -7.32
C SER B 24 -14.15 0.34 -7.55
N GLU B 25 -14.94 0.51 -8.61
CA GLU B 25 -15.95 -0.48 -8.98
C GLU B 25 -15.23 -1.62 -9.70
N LEU B 26 -14.68 -2.54 -8.89
CA LEU B 26 -13.90 -3.64 -9.44
C LEU B 26 -14.72 -4.49 -10.39
N SER B 27 -16.02 -4.60 -10.14
CA SER B 27 -16.90 -5.37 -11.03
C SER B 27 -16.87 -4.82 -12.45
N GLU B 28 -16.77 -3.51 -12.61
CA GLU B 28 -16.71 -2.88 -13.93
C GLU B 28 -15.28 -2.80 -14.47
N LEU B 29 -14.32 -3.41 -13.78
CA LEU B 29 -12.93 -3.39 -14.23
C LEU B 29 -12.78 -3.88 -15.67
N GLY B 30 -13.63 -4.82 -16.09
CA GLY B 30 -13.53 -5.35 -17.44
C GLY B 30 -13.96 -4.39 -18.53
N GLU B 31 -14.75 -3.37 -18.17
CA GLU B 31 -15.27 -2.44 -19.18
C GLU B 31 -14.18 -1.54 -19.75
N TRP B 32 -13.03 -1.44 -19.09
CA TRP B 32 -11.97 -0.55 -19.55
C TRP B 32 -10.56 -1.11 -19.40
N LEU B 33 -10.27 -1.93 -18.39
CA LEU B 33 -8.93 -2.45 -18.19
C LEU B 33 -8.69 -3.58 -19.18
N VAL B 34 -7.86 -3.31 -20.20
CA VAL B 34 -7.68 -4.22 -21.33
C VAL B 34 -7.18 -5.59 -20.87
N ILE B 35 -6.34 -5.62 -19.84
CA ILE B 35 -5.75 -6.87 -19.42
C ILE B 35 -6.77 -7.78 -18.74
N HIS B 36 -7.92 -7.24 -18.31
CA HIS B 36 -8.89 -7.99 -17.53
C HIS B 36 -10.04 -8.46 -18.43
N GLU B 37 -10.15 -9.79 -18.58
CA GLU B 37 -11.23 -10.39 -19.35
C GLU B 37 -12.52 -10.52 -18.54
N GLY B 38 -12.41 -10.71 -17.24
CA GLY B 38 -13.59 -10.91 -16.41
C GLY B 38 -13.24 -11.76 -15.20
N TRP B 39 -14.19 -11.83 -14.27
CA TRP B 39 -14.03 -12.57 -13.04
C TRP B 39 -14.66 -13.96 -13.18
N ARG B 40 -14.14 -14.90 -12.40
CA ARG B 40 -14.63 -16.27 -12.37
C ARG B 40 -15.26 -16.66 -11.03
N SER B 41 -15.09 -15.85 -9.99
CA SER B 41 -15.66 -16.16 -8.68
C SER B 41 -16.72 -15.13 -8.30
N GLN B 46 -18.33 -5.81 -0.09
CA GLN B 46 -17.16 -5.86 0.78
C GLN B 46 -15.88 -5.92 -0.05
N LEU B 47 -15.51 -4.78 -0.65
CA LEU B 47 -14.35 -4.70 -1.52
C LEU B 47 -13.15 -4.15 -0.76
N GLY B 48 -12.01 -4.81 -0.91
CA GLY B 48 -10.77 -4.36 -0.30
C GLY B 48 -9.85 -5.48 0.15
N VAL B 51 -8.91 -9.73 0.55
CA VAL B 51 -9.93 -10.41 -0.22
C VAL B 51 -9.35 -10.94 -1.53
N GLN B 52 -9.63 -12.20 -1.84
CA GLN B 52 -9.04 -12.89 -2.99
C GLN B 52 -10.14 -13.32 -3.96
N ILE B 53 -9.87 -13.16 -5.26
CA ILE B 53 -10.87 -13.40 -6.29
C ILE B 53 -10.16 -13.80 -7.58
N VAL B 54 -10.72 -14.79 -8.28
CA VAL B 54 -10.12 -15.34 -9.49
C VAL B 54 -10.68 -14.61 -10.70
N GLY B 55 -9.84 -14.44 -11.72
CA GLY B 55 -10.24 -13.81 -12.97
C GLY B 55 -9.40 -14.32 -14.11
N VAL B 56 -9.65 -13.77 -15.29
CA VAL B 56 -8.94 -14.12 -16.51
C VAL B 56 -8.19 -12.89 -16.99
N ALA B 57 -6.96 -13.08 -17.46
CA ALA B 57 -6.08 -11.99 -17.86
C ALA B 57 -5.52 -12.28 -19.25
N ARG B 58 -5.60 -11.27 -20.12
CA ARG B 58 -5.06 -11.31 -21.48
C ARG B 58 -3.82 -10.44 -21.49
N ALA B 59 -2.63 -11.07 -21.52
CA ALA B 59 -1.40 -10.32 -21.61
C ALA B 59 -0.47 -11.00 -22.60
N MET B 60 0.05 -10.22 -23.55
CA MET B 60 0.95 -10.73 -24.59
C MET B 60 0.25 -11.70 -25.54
N GLY B 61 -1.06 -11.57 -25.70
CA GLY B 61 -1.83 -12.59 -26.37
C GLY B 61 -1.95 -13.89 -25.61
N MET B 62 -1.23 -14.05 -24.49
CA MET B 62 -1.37 -15.22 -23.64
C MET B 62 -2.56 -15.02 -22.70
N ARG B 63 -3.45 -15.99 -22.68
CA ARG B 63 -4.53 -16.04 -21.70
C ARG B 63 -4.05 -16.73 -20.44
N ASN B 64 -4.56 -16.28 -19.30
CA ASN B 64 -4.18 -16.97 -18.07
C ASN B 64 -5.26 -16.73 -17.01
N ARG B 65 -5.49 -17.76 -16.21
CA ARG B 65 -6.33 -17.64 -15.02
C ARG B 65 -5.46 -17.11 -13.88
N VAL B 66 -5.88 -16.01 -13.27
CA VAL B 66 -5.09 -15.32 -12.26
C VAL B 66 -5.94 -15.14 -11.01
N THR B 67 -5.42 -15.57 -9.87
CA THR B 67 -6.03 -15.30 -8.59
C THR B 67 -5.46 -13.98 -8.08
N TRP B 68 -6.26 -12.93 -8.11
CA TRP B 68 -5.84 -11.64 -7.59
C TRP B 68 -6.20 -11.53 -6.12
N ARG B 69 -5.41 -10.75 -5.39
CA ARG B 69 -5.74 -10.36 -4.02
C ARG B 69 -5.52 -8.86 -3.89
N VAL B 70 -6.51 -8.16 -3.34
CA VAL B 70 -6.40 -6.71 -3.19
C VAL B 70 -5.39 -6.40 -2.09
N THR B 71 -4.34 -5.66 -2.45
CA THR B 71 -3.25 -5.36 -1.52
C THR B 71 -3.24 -3.94 -1.01
N LYS B 72 -3.77 -2.98 -1.76
CA LYS B 72 -3.79 -1.59 -1.31
C LYS B 72 -5.14 -0.97 -1.65
N TRP B 73 -5.73 -0.27 -0.68
CA TRP B 73 -7.04 0.37 -0.81
C TRP B 73 -7.01 1.65 0.03
N ASP B 74 -6.31 2.67 -0.49
CA ASP B 74 -6.13 3.96 0.17
C ASP B 74 -6.98 4.99 -0.54
N PRO B 75 -8.21 5.21 -0.11
CA PRO B 75 -9.10 6.14 -0.81
C PRO B 75 -8.82 7.58 -0.40
N PRO B 76 -9.03 8.54 -1.31
CA PRO B 76 -9.31 8.27 -2.73
C PRO B 76 -8.05 8.40 -3.59
N HIS B 77 -6.97 7.74 -3.19
CA HIS B 77 -5.67 7.88 -3.81
C HIS B 77 -5.25 6.68 -4.66
N GLU B 78 -5.28 5.47 -4.10
CA GLU B 78 -4.59 4.34 -4.73
C GLU B 78 -5.33 3.03 -4.47
N VAL B 79 -5.46 2.22 -5.51
CA VAL B 79 -5.89 0.82 -5.38
C VAL B 79 -4.86 -0.04 -6.08
N ALA B 80 -4.48 -1.15 -5.45
CA ALA B 80 -3.43 -1.99 -5.99
C ALA B 80 -3.73 -3.45 -5.71
N MET B 81 -3.65 -4.28 -6.74
CA MET B 81 -3.81 -5.72 -6.61
C MET B 81 -2.62 -6.44 -7.22
N THR B 82 -2.36 -7.64 -6.72
CA THR B 82 -1.39 -8.55 -7.30
C THR B 82 -2.08 -9.88 -7.57
N GLY B 83 -1.46 -10.69 -8.41
CA GLY B 83 -2.08 -11.93 -8.83
C GLY B 83 -1.06 -12.98 -9.20
N SER B 84 -1.44 -14.25 -8.98
CA SER B 84 -0.62 -15.40 -9.36
C SER B 84 -1.39 -16.25 -10.36
N GLY B 85 -0.66 -16.82 -11.32
CA GLY B 85 -1.28 -17.63 -12.35
C GLY B 85 -0.57 -18.95 -12.57
N LYS B 86 -0.96 -19.69 -13.62
CA LYS B 86 -0.43 -21.01 -13.86
C LYS B 86 1.04 -20.92 -14.27
N GLY B 87 1.91 -21.56 -13.50
CA GLY B 87 3.33 -21.51 -13.77
C GLY B 87 4.08 -20.43 -13.04
N GLY B 88 3.52 -19.90 -11.94
CA GLY B 88 4.16 -18.79 -11.26
C GLY B 88 4.19 -17.52 -12.08
N THR B 89 3.16 -17.28 -12.89
CA THR B 89 3.04 -16.02 -13.60
C THR B 89 2.54 -14.96 -12.62
N LYS B 90 3.42 -14.02 -12.27
CA LYS B 90 3.07 -12.96 -11.34
C LYS B 90 2.59 -11.73 -12.11
N TYR B 91 1.53 -11.10 -11.59
CA TYR B 91 0.97 -9.89 -12.15
C TYR B 91 0.72 -8.88 -11.04
N GLY B 92 0.60 -7.61 -11.45
CA GLY B 92 0.29 -6.52 -10.54
C GLY B 92 -0.31 -5.32 -11.24
N VAL B 93 -1.28 -4.68 -10.62
CA VAL B 93 -1.98 -3.53 -11.20
C VAL B 93 -2.12 -2.48 -10.12
N THR B 94 -1.60 -1.27 -10.40
CA THR B 94 -1.66 -0.15 -9.46
C THR B 94 -2.32 1.04 -10.15
N LEU B 95 -3.42 1.53 -9.56
CA LEU B 95 -4.17 2.66 -10.09
C LEU B 95 -4.10 3.80 -9.09
N THR B 96 -3.70 4.98 -9.58
CA THR B 96 -3.45 6.15 -8.75
C THR B 96 -4.27 7.33 -9.26
N VAL B 97 -4.83 8.11 -8.33
CA VAL B 97 -5.62 9.29 -8.65
C VAL B 97 -4.94 10.50 -8.02
N ARG B 98 -4.54 11.47 -8.83
CA ARG B 98 -3.96 12.70 -8.30
C ARG B 98 -4.54 13.91 -9.02
N PRO B 99 -4.92 14.96 -8.29
CA PRO B 99 -5.67 16.05 -8.92
C PRO B 99 -4.82 16.86 -9.89
N THR B 100 -5.51 17.51 -10.83
CA THR B 100 -4.90 18.40 -11.81
C THR B 100 -5.84 19.57 -12.07
N LYS B 101 -5.30 20.62 -12.69
CA LYS B 101 -6.13 21.72 -13.17
C LYS B 101 -7.17 21.20 -14.16
N GLY B 102 -8.44 21.32 -13.78
CA GLY B 102 -9.53 20.82 -14.60
C GLY B 102 -10.12 19.52 -14.11
N GLY B 103 -9.45 18.80 -13.22
CA GLY B 103 -9.99 17.54 -12.74
C GLY B 103 -8.98 16.63 -12.11
N SER B 104 -8.77 15.45 -12.69
CA SER B 104 -7.94 14.42 -12.08
C SER B 104 -6.97 13.87 -13.11
N ALA B 105 -6.00 13.10 -12.61
CA ALA B 105 -5.06 12.36 -13.43
C ALA B 105 -5.03 10.93 -12.90
N LEU B 106 -5.35 9.99 -13.78
CA LEU B 106 -5.37 8.57 -13.48
C LEU B 106 -4.09 7.94 -14.02
N GLY B 107 -3.32 7.30 -13.14
CA GLY B 107 -2.11 6.60 -13.51
C GLY B 107 -2.32 5.10 -13.37
N LEU B 108 -1.94 4.38 -14.43
CA LEU B 108 -2.04 2.93 -14.46
C LEU B 108 -0.64 2.35 -14.57
N ARG B 109 -0.32 1.45 -13.65
CA ARG B 109 0.97 0.76 -13.65
C ARG B 109 0.71 -0.73 -13.73
N LEU B 110 1.24 -1.35 -14.78
CA LEU B 110 1.19 -2.78 -15.01
C LEU B 110 2.53 -3.40 -14.63
N GLU B 111 2.46 -4.58 -14.00
CA GLU B 111 3.64 -5.31 -13.55
C GLU B 111 3.47 -6.76 -13.97
N LEU B 112 4.40 -7.27 -14.77
CA LEU B 112 4.35 -8.64 -15.26
C LEU B 112 5.67 -9.34 -14.98
N GLY B 113 5.60 -10.57 -14.50
CA GLY B 113 6.81 -11.35 -14.28
C GLY B 113 7.45 -11.76 -15.59
N GLY B 114 8.58 -12.46 -15.48
CA GLY B 114 9.25 -12.95 -16.67
C GLY B 114 8.40 -13.93 -17.45
N ARG B 115 7.65 -14.79 -16.75
CA ARG B 115 6.80 -15.77 -17.42
C ARG B 115 5.64 -15.08 -18.13
N ALA B 116 4.90 -14.24 -17.40
CA ALA B 116 3.76 -13.52 -17.98
C ALA B 116 4.14 -12.78 -19.25
N LEU B 117 5.43 -12.56 -19.48
CA LEU B 117 5.92 -11.99 -20.73
C LEU B 117 6.28 -13.10 -21.73
N PHE B 118 7.23 -13.98 -21.39
CA PHE B 118 7.78 -14.92 -22.36
C PHE B 118 7.71 -16.36 -21.88
N GLY B 119 6.72 -16.71 -21.07
CA GLY B 119 6.54 -18.07 -20.63
C GLY B 119 7.63 -18.58 -19.71
N PRO B 120 7.73 -19.90 -19.55
CA PRO B 120 8.75 -20.46 -18.63
C PRO B 120 10.17 -20.02 -18.96
N LEU B 121 10.53 -19.98 -20.24
CA LEU B 121 11.86 -19.53 -20.64
C LEU B 121 12.11 -18.05 -20.34
N GLY B 122 11.09 -17.33 -19.85
CA GLY B 122 11.34 -16.00 -19.32
C GLY B 122 12.14 -16.02 -18.05
N SER B 123 12.09 -17.14 -17.30
CA SER B 123 12.88 -17.26 -16.09
C SER B 123 14.37 -17.14 -16.38
N ALA B 124 14.81 -17.61 -17.55
CA ALA B 124 16.20 -17.56 -17.97
C ALA B 124 16.81 -16.20 -17.67
N ALA B 125 16.33 -15.16 -18.37
CA ALA B 125 16.77 -13.80 -18.11
C ALA B 125 16.80 -13.50 -16.62
N ALA B 126 15.68 -13.75 -15.93
CA ALA B 126 15.62 -13.55 -14.49
C ALA B 126 16.80 -14.21 -13.80
N ARG B 127 16.92 -15.54 -13.96
CA ARG B 127 17.96 -16.29 -13.27
C ARG B 127 19.34 -15.75 -13.58
N ALA B 128 19.50 -15.11 -14.74
CA ALA B 128 20.79 -14.50 -15.06
C ALA B 128 21.02 -13.24 -14.25
N VAL B 129 20.09 -12.28 -14.36
CA VAL B 129 20.30 -11.00 -13.66
C VAL B 129 20.39 -11.24 -12.17
N LYS B 130 19.38 -11.90 -11.60
CA LYS B 130 19.45 -12.39 -10.23
C LYS B 130 20.84 -12.95 -9.95
N GLY B 131 21.27 -13.90 -10.78
CA GLY B 131 22.58 -14.51 -10.61
C GLY B 131 23.68 -13.48 -10.41
N ASP B 132 23.79 -12.54 -11.35
CA ASP B 132 24.79 -11.48 -11.23
C ASP B 132 24.72 -10.83 -9.85
N VAL B 133 23.51 -10.35 -9.50
CA VAL B 133 23.26 -9.75 -8.20
C VAL B 133 23.89 -10.60 -7.10
N GLU B 134 23.52 -11.89 -7.04
CA GLU B 134 24.06 -12.76 -6.00
C GLU B 134 25.59 -12.65 -5.96
N LYS B 135 26.24 -12.97 -7.08
CA LYS B 135 27.70 -12.96 -7.09
C LYS B 135 28.21 -11.61 -6.59
N SER B 136 27.62 -10.53 -7.09
CA SER B 136 28.01 -9.18 -6.67
C SER B 136 28.04 -9.10 -5.14
N LEU B 137 26.88 -9.34 -4.52
CA LEU B 137 26.81 -9.25 -3.07
C LEU B 137 27.83 -10.18 -2.44
N LYS B 138 27.93 -11.42 -2.95
CA LYS B 138 28.91 -12.36 -2.44
C LYS B 138 30.29 -11.73 -2.39
N GLN B 139 30.75 -11.22 -3.54
CA GLN B 139 32.08 -10.63 -3.59
C GLN B 139 32.20 -9.48 -2.60
N PHE B 140 31.17 -8.64 -2.49
CA PHE B 140 31.19 -7.56 -1.51
C PHE B 140 31.47 -8.10 -0.12
N ALA B 141 30.71 -9.13 0.29
CA ALA B 141 30.90 -9.70 1.61
C ALA B 141 32.31 -10.25 1.77
N GLU B 142 32.85 -10.84 0.69
CA GLU B 142 34.21 -11.37 0.77
C GLU B 142 35.23 -10.25 0.88
N LEU B 143 34.95 -9.10 0.27
CA LEU B 143 35.87 -7.97 0.35
C LEU B 143 35.66 -7.14 1.61
N TYR B 144 34.43 -7.09 2.14
CA TYR B 144 34.14 -6.25 3.30
C TYR B 144 33.33 -7.00 4.35
#